data_5A6N
#
_entry.id   5A6N
#
_cell.length_a   80.726
_cell.length_b   87.775
_cell.length_c   91.301
_cell.angle_alpha   90.00
_cell.angle_beta   90.00
_cell.angle_gamma   90.00
#
_symmetry.space_group_name_H-M   'P 21 21 21'
#
loop_
_entity.id
_entity.type
_entity.pdbx_description
1 polymer 'DEATH-ASSOCIATED PROTEIN KINASE 3'
2 non-polymer 5-(3-SULFAMOYLPHENYL)-1H-1,2,3,4-TETRAZOL-1-IDE
3 non-polymer GLYCEROL
4 non-polymer S-1,2-PROPANEDIOL
5 water water
#
_entity_poly.entity_id   1
_entity_poly.type   'polypeptide(L)'
_entity_poly.pdbx_seq_one_letter_code
;SMVEDHYEMGEELGSGQFAIVRKCRQKGTGKEYAAKFIKKRRLSSSRRGVSREEIEREVNILREIRHPNIITLHDIFENK
TDVVLILELVSGGELFDFLAEKESLTEDEATQFLKQILDGVHYLHSKRIAHFDLKPENIMLLDKNVPNPRIKLIDFGIAH
KIEAGNEFKNIFGTPEFVAPEIVNYEPLGLEADMWSIGVITYILLSGASPFLGETKQETLTNISAVNYDFDEEYFSNTSE
LAKDFIRRLLVKDPKRRMTIAQSLEHSWIKAIRRRNVRGEDSG
;
_entity_poly.pdbx_strand_id   A,B
#
loop_
_chem_comp.id
_chem_comp.type
_chem_comp.name
_chem_comp.formula
GOL non-polymer GLYCEROL 'C3 H8 O3'
PGO non-polymer S-1,2-PROPANEDIOL 'C3 H8 O2'
U7E non-polymer 5-(3-SULFAMOYLPHENYL)-1H-1,2,3,4-TETRAZOL-1-IDE 'C7 H7 N5 O2 S'
#
# COMPACT_ATOMS: atom_id res chain seq x y z
N MET A 2 -2.94 27.60 -13.05
CA MET A 2 -1.98 28.27 -12.11
C MET A 2 -2.67 28.79 -10.84
N VAL A 3 -2.28 28.23 -9.69
CA VAL A 3 -2.87 28.62 -8.41
C VAL A 3 -2.76 30.12 -8.09
N GLU A 4 -1.64 30.77 -8.44
CA GLU A 4 -1.41 32.19 -8.14
C GLU A 4 -2.33 33.12 -8.94
N ASP A 5 -2.86 32.62 -10.04
CA ASP A 5 -3.91 33.31 -10.79
C ASP A 5 -5.27 33.26 -10.09
N HIS A 6 -5.44 32.36 -9.14
CA HIS A 6 -6.75 32.16 -8.52
C HIS A 6 -6.76 32.39 -7.01
N TYR A 7 -5.60 32.31 -6.38
CA TYR A 7 -5.42 32.54 -4.92
C TYR A 7 -4.26 33.48 -4.68
N GLU A 8 -4.48 34.45 -3.79
CA GLU A 8 -3.41 35.32 -3.30
C GLU A 8 -2.72 34.62 -2.12
N MET A 9 -1.42 34.38 -2.27
CA MET A 9 -0.66 33.61 -1.30
C MET A 9 -0.07 34.51 -0.23
N GLY A 10 -0.17 34.06 1.02
CA GLY A 10 0.32 34.81 2.16
C GLY A 10 1.40 34.06 2.91
N GLU A 11 1.36 34.19 4.24
CA GLU A 11 2.43 33.72 5.10
C GLU A 11 2.55 32.19 5.16
N GLU A 12 3.75 31.72 5.43
CA GLU A 12 3.95 30.32 5.76
C GLU A 12 3.36 30.05 7.13
N LEU A 13 2.54 29.01 7.21
CA LEU A 13 1.90 28.55 8.43
C LEU A 13 2.60 27.37 9.08
N GLY A 14 3.28 26.55 8.29
CA GLY A 14 3.92 25.37 8.86
C GLY A 14 4.51 24.49 7.77
N SER A 15 5.21 23.44 8.18
CA SER A 15 5.81 22.50 7.21
C SER A 15 5.87 21.10 7.79
N GLY A 16 5.80 20.11 6.91
CA GLY A 16 5.77 18.71 7.32
C GLY A 16 6.55 17.91 6.30
N GLN A 17 6.08 16.71 6.00
CA GLN A 17 6.79 15.80 5.10
C GLN A 17 6.68 16.27 3.65
N PHE A 18 7.77 16.84 3.15
CA PHE A 18 7.88 17.42 1.81
C PHE A 18 6.76 18.37 1.42
N ALA A 19 6.21 19.05 2.42
CA ALA A 19 5.04 19.93 2.22
C ALA A 19 5.30 21.23 2.98
N ILE A 20 4.81 22.33 2.43
CA ILE A 20 4.85 23.64 3.09
C ILE A 20 3.43 24.18 3.00
N VAL A 21 2.88 24.68 4.11
CA VAL A 21 1.52 25.18 4.15
C VAL A 21 1.57 26.70 4.22
N ARG A 22 0.82 27.38 3.34
CA ARG A 22 0.76 28.85 3.34
C ARG A 22 -0.71 29.30 3.49
N LYS A 23 -0.94 30.43 4.13
CA LYS A 23 -2.30 30.98 4.14
C LYS A 23 -2.59 31.55 2.75
N CYS A 24 -3.83 31.49 2.29
CA CYS A 24 -4.17 32.18 1.03
C CYS A 24 -5.58 32.68 1.05
N ARG A 25 -5.91 33.45 0.01
CA ARG A 25 -7.25 34.00 -0.12
C ARG A 25 -7.73 33.85 -1.56
N GLN A 26 -8.93 33.34 -1.77
CA GLN A 26 -9.38 33.06 -3.15
C GLN A 26 -9.78 34.37 -3.84
N LYS A 27 -9.23 34.61 -5.02
CA LYS A 27 -9.61 35.81 -5.78
C LYS A 27 -11.07 35.70 -6.19
N GLY A 28 -11.81 36.78 -6.09
CA GLY A 28 -13.21 36.77 -6.47
C GLY A 28 -14.15 36.59 -5.31
N THR A 29 -13.91 35.56 -4.49
CA THR A 29 -14.73 35.30 -3.30
C THR A 29 -14.21 35.94 -2.02
N GLY A 30 -12.90 36.17 -1.94
CA GLY A 30 -12.24 36.63 -0.73
C GLY A 30 -12.17 35.64 0.44
N LYS A 31 -12.53 34.38 0.20
CA LYS A 31 -12.56 33.40 1.31
C LYS A 31 -11.11 32.92 1.59
N GLU A 32 -10.80 32.68 2.85
CA GLU A 32 -9.44 32.29 3.21
C GLU A 32 -9.32 30.79 3.32
N TYR A 33 -8.14 30.29 2.96
CA TYR A 33 -7.82 28.87 2.95
C TYR A 33 -6.37 28.63 3.37
N ALA A 34 -6.01 27.37 3.50
CA ALA A 34 -4.61 26.95 3.66
C ALA A 34 -4.21 26.26 2.36
N ALA A 35 -3.07 26.64 1.82
CA ALA A 35 -2.56 26.02 0.60
C ALA A 35 -1.39 25.15 0.98
N LYS A 36 -1.57 23.85 0.81
CA LYS A 36 -0.51 22.86 1.14
C LYS A 36 0.22 22.52 -0.19
N PHE A 37 1.49 22.92 -0.25
CA PHE A 37 2.34 22.67 -1.41
C PHE A 37 3.13 21.35 -1.17
N ILE A 38 2.80 20.31 -1.92
CA ILE A 38 3.43 18.97 -1.76
C ILE A 38 4.45 18.83 -2.86
N LYS A 39 5.71 18.59 -2.47
CA LYS A 39 6.80 18.50 -3.46
C LYS A 39 6.69 17.16 -4.14
N LYS A 40 6.53 17.15 -5.48
CA LYS A 40 6.48 15.94 -6.26
C LYS A 40 7.84 15.27 -6.38
N ARG A 41 7.85 13.95 -6.29
CA ARG A 41 9.04 13.17 -6.55
C ARG A 41 9.23 13.12 -8.06
N ARG A 42 10.47 13.31 -8.51
CA ARG A 42 10.80 13.31 -9.94
C ARG A 42 10.94 11.89 -10.53
N LEU A 43 11.96 11.19 -10.06
CA LEU A 43 12.23 9.84 -10.52
C LEU A 43 11.78 8.89 -9.46
N SER A 44 11.22 7.77 -9.88
CA SER A 44 10.73 6.79 -8.96
C SER A 44 11.80 6.22 -8.05
N SER A 45 13.08 6.32 -8.44
CA SER A 45 14.19 5.86 -7.62
C SER A 45 14.53 6.82 -6.51
N SER A 46 13.92 8.01 -6.51
CA SER A 46 14.32 9.07 -5.59
C SER A 46 13.65 8.88 -4.22
N ARG A 47 14.31 9.37 -3.17
CA ARG A 47 13.69 9.37 -1.85
C ARG A 47 13.25 10.78 -1.45
N ARG A 48 13.33 11.73 -2.39
CA ARG A 48 12.88 13.07 -2.13
C ARG A 48 11.49 13.25 -2.73
N GLY A 49 10.73 14.15 -2.13
CA GLY A 49 9.35 14.39 -2.53
C GLY A 49 8.42 13.23 -2.22
N VAL A 50 7.21 13.36 -2.75
CA VAL A 50 6.16 12.36 -2.55
C VAL A 50 5.78 11.82 -3.91
N SER A 51 5.69 10.51 -4.02
CA SER A 51 5.28 9.88 -5.27
C SER A 51 3.88 10.29 -5.66
N ARG A 52 3.64 10.32 -6.96
CA ARG A 52 2.34 10.67 -7.46
C ARG A 52 1.24 9.78 -6.87
N GLU A 53 1.52 8.48 -6.75
CA GLU A 53 0.50 7.57 -6.25
C GLU A 53 0.13 7.91 -4.79
N GLU A 54 1.11 8.33 -3.99
CA GLU A 54 0.82 8.64 -2.57
C GLU A 54 0.06 9.98 -2.47
N ILE A 55 0.37 10.91 -3.35
CA ILE A 55 -0.37 12.18 -3.41
C ILE A 55 -1.81 11.86 -3.77
N GLU A 56 -1.98 11.04 -4.80
CA GLU A 56 -3.33 10.65 -5.19
C GLU A 56 -4.09 9.93 -4.08
N ARG A 57 -3.42 9.09 -3.30
CA ARG A 57 -4.09 8.34 -2.26
C ARG A 57 -4.68 9.34 -1.28
N GLU A 58 -3.89 10.34 -0.91
CA GLU A 58 -4.33 11.35 0.05
C GLU A 58 -5.46 12.22 -0.51
N VAL A 59 -5.30 12.65 -1.77
CA VAL A 59 -6.30 13.51 -2.42
C VAL A 59 -7.64 12.75 -2.56
N ASN A 60 -7.59 11.47 -2.94
CA ASN A 60 -8.82 10.68 -3.11
C ASN A 60 -9.58 10.58 -1.78
N ILE A 61 -8.85 10.44 -0.67
CA ILE A 61 -9.50 10.39 0.63
C ILE A 61 -10.08 11.78 0.98
N LEU A 62 -9.31 12.83 0.77
CA LEU A 62 -9.76 14.18 1.09
C LEU A 62 -11.00 14.54 0.29
N ARG A 63 -11.06 14.10 -0.95
CA ARG A 63 -12.19 14.46 -1.82
C ARG A 63 -13.53 14.04 -1.28
N GLU A 64 -13.54 12.90 -0.58
CA GLU A 64 -14.72 12.22 -0.05
C GLU A 64 -15.26 12.93 1.20
N ILE A 65 -14.42 13.70 1.89
CA ILE A 65 -14.76 14.16 3.25
C ILE A 65 -15.66 15.36 3.36
N ARG A 66 -16.77 15.15 4.05
CA ARG A 66 -17.70 16.21 4.36
C ARG A 66 -18.23 15.90 5.75
N HIS A 67 -17.54 16.42 6.76
CA HIS A 67 -17.96 16.30 8.15
C HIS A 67 -17.37 17.48 8.92
N PRO A 68 -18.11 18.05 9.86
CA PRO A 68 -17.62 19.27 10.53
C PRO A 68 -16.37 19.12 11.38
N ASN A 69 -16.11 17.91 11.83
CA ASN A 69 -14.92 17.65 12.67
C ASN A 69 -13.71 17.21 11.87
N ILE A 70 -13.74 17.32 10.54
CA ILE A 70 -12.62 16.91 9.68
C ILE A 70 -12.29 18.06 8.72
N ILE A 71 -11.00 18.28 8.42
CA ILE A 71 -10.60 19.30 7.47
C ILE A 71 -11.14 18.94 6.07
N THR A 72 -11.46 19.94 5.25
CA THR A 72 -12.04 19.64 3.97
C THR A 72 -11.14 20.19 2.89
N LEU A 73 -11.30 19.66 1.72
CA LEU A 73 -10.54 20.05 0.56
C LEU A 73 -11.44 20.92 -0.31
N HIS A 74 -10.94 22.08 -0.66
CA HIS A 74 -11.67 23.05 -1.50
C HIS A 74 -11.28 22.99 -2.95
N ASP A 75 -10.00 22.82 -3.28
CA ASP A 75 -9.51 22.98 -4.64
C ASP A 75 -8.17 22.30 -4.74
N ILE A 76 -7.71 22.07 -5.97
CA ILE A 76 -6.43 21.44 -6.20
C ILE A 76 -5.81 22.02 -7.46
N PHE A 77 -4.50 22.21 -7.42
CA PHE A 77 -3.71 22.68 -8.56
C PHE A 77 -2.45 21.88 -8.64
N GLU A 78 -1.80 21.94 -9.79
CA GLU A 78 -0.48 21.36 -9.90
C GLU A 78 0.38 22.24 -10.81
N ASN A 79 1.60 22.57 -10.36
CA ASN A 79 2.59 23.23 -11.19
C ASN A 79 3.73 22.26 -11.47
N LYS A 80 4.88 22.77 -11.87
CA LYS A 80 5.95 21.89 -12.35
C LYS A 80 6.54 21.05 -11.22
N THR A 81 6.60 21.63 -10.03
CA THR A 81 7.31 21.02 -8.92
C THR A 81 6.39 20.54 -7.78
N ASP A 82 5.14 21.01 -7.78
CA ASP A 82 4.23 20.77 -6.63
C ASP A 82 2.78 20.45 -7.00
N VAL A 83 2.11 19.69 -6.12
CA VAL A 83 0.67 19.54 -6.12
C VAL A 83 0.21 20.41 -4.95
N VAL A 84 -0.72 21.32 -5.23
CA VAL A 84 -1.14 22.31 -4.22
C VAL A 84 -2.55 22.00 -3.83
N LEU A 85 -2.74 21.64 -2.56
CA LEU A 85 -4.06 21.36 -2.04
C LEU A 85 -4.60 22.61 -1.39
N ILE A 86 -5.78 23.07 -1.79
CA ILE A 86 -6.39 24.22 -1.12
C ILE A 86 -7.36 23.65 -0.08
N LEU A 87 -7.01 23.80 1.21
CA LEU A 87 -7.71 23.16 2.29
C LEU A 87 -8.44 24.19 3.15
N GLU A 88 -9.43 23.72 3.91
CA GLU A 88 -10.03 24.52 4.96
C GLU A 88 -8.95 25.08 5.89
N LEU A 89 -9.01 26.37 6.14
CA LEU A 89 -8.13 27.04 7.07
C LEU A 89 -8.59 26.81 8.52
N VAL A 90 -7.71 26.15 9.28
CA VAL A 90 -7.99 25.84 10.67
C VAL A 90 -7.02 26.66 11.51
N SER A 91 -7.55 27.62 12.28
CA SER A 91 -6.72 28.67 12.90
C SER A 91 -6.64 28.62 14.42
N GLY A 92 -7.36 27.68 15.05
CA GLY A 92 -7.47 27.65 16.50
C GLY A 92 -6.34 26.94 17.26
N GLY A 93 -5.37 26.41 16.53
CA GLY A 93 -4.25 25.72 17.13
C GLY A 93 -4.60 24.34 17.64
N GLU A 94 -3.64 23.70 18.29
CA GLU A 94 -3.82 22.35 18.81
C GLU A 94 -4.75 22.35 19.99
N LEU A 95 -5.62 21.34 20.09
CA LEU A 95 -6.50 21.23 21.25
C LEU A 95 -5.73 21.30 22.55
N PHE A 96 -4.63 20.56 22.64
CA PHE A 96 -3.91 20.55 23.95
C PHE A 96 -3.27 21.86 24.33
N ASP A 97 -2.89 22.67 23.36
CA ASP A 97 -2.39 24.01 23.64
C ASP A 97 -3.51 24.90 24.18
N PHE A 98 -4.75 24.71 23.72
CA PHE A 98 -5.88 25.45 24.27
C PHE A 98 -6.13 25.05 25.70
N LEU A 99 -6.08 23.75 25.93
CA LEU A 99 -6.32 23.23 27.27
C LEU A 99 -5.23 23.72 28.24
N ALA A 100 -4.01 23.94 27.72
CA ALA A 100 -2.89 24.51 28.52
C ALA A 100 -3.11 25.92 29.11
N GLU A 101 -4.00 26.70 28.53
CA GLU A 101 -4.26 28.02 29.00
C GLU A 101 -5.05 27.95 30.32
N LYS A 102 -5.66 26.79 30.59
CA LYS A 102 -6.46 26.60 31.80
C LYS A 102 -5.63 26.22 33.03
N GLU A 103 -6.16 26.45 34.23
CA GLU A 103 -5.46 26.07 35.45
C GLU A 103 -5.72 24.61 35.76
N SER A 104 -6.88 24.13 35.33
CA SER A 104 -7.22 22.72 35.48
C SER A 104 -8.28 22.39 34.43
N LEU A 105 -8.63 21.10 34.35
CA LEU A 105 -9.67 20.61 33.44
C LEU A 105 -10.42 19.44 34.10
N THR A 106 -11.74 19.52 34.16
CA THR A 106 -12.58 18.43 34.73
C THR A 106 -12.86 17.31 33.71
N GLU A 107 -13.23 16.15 34.24
CA GLU A 107 -13.49 15.00 33.38
C GLU A 107 -14.63 15.30 32.40
N ASP A 108 -15.69 15.94 32.88
CA ASP A 108 -16.76 16.36 32.00
C ASP A 108 -16.34 17.38 30.94
N GLU A 109 -15.51 18.35 31.28
CA GLU A 109 -15.01 19.30 30.26
C GLU A 109 -14.22 18.49 29.20
N ALA A 110 -13.40 17.55 29.64
CA ALA A 110 -12.59 16.75 28.69
C ALA A 110 -13.46 15.94 27.75
N THR A 111 -14.50 15.30 28.29
CA THR A 111 -15.30 14.40 27.47
C THR A 111 -16.07 15.13 26.39
N GLN A 112 -16.33 16.45 26.55
CA GLN A 112 -16.93 17.31 25.50
C GLN A 112 -16.07 17.20 24.23
N PHE A 113 -14.78 17.35 24.42
CA PHE A 113 -13.88 17.32 23.30
C PHE A 113 -13.69 15.92 22.77
N LEU A 114 -13.56 14.95 23.66
CA LEU A 114 -13.42 13.56 23.21
C LEU A 114 -14.61 13.11 22.33
N LYS A 115 -15.81 13.51 22.70
CA LYS A 115 -16.98 13.14 21.88
C LYS A 115 -16.83 13.62 20.44
N GLN A 116 -16.29 14.82 20.26
CA GLN A 116 -16.06 15.35 18.93
C GLN A 116 -15.03 14.53 18.14
N ILE A 117 -13.97 14.13 18.81
CA ILE A 117 -12.99 13.27 18.18
C ILE A 117 -13.63 11.95 17.74
N LEU A 118 -14.41 11.34 18.64
CA LEU A 118 -15.10 10.12 18.31
C LEU A 118 -16.08 10.29 17.12
N ASP A 119 -16.77 11.40 17.08
CA ASP A 119 -17.70 11.64 15.97
C ASP A 119 -16.97 11.75 14.64
N GLY A 120 -15.83 12.43 14.62
CA GLY A 120 -15.01 12.50 13.41
C GLY A 120 -14.50 11.15 12.99
N VAL A 121 -13.99 10.39 13.96
CA VAL A 121 -13.51 9.06 13.63
C VAL A 121 -14.61 8.11 13.20
N HIS A 122 -15.79 8.28 13.79
CA HIS A 122 -16.95 7.47 13.37
C HIS A 122 -17.27 7.73 11.90
N TYR A 123 -17.23 8.99 11.51
CA TYR A 123 -17.42 9.30 10.09
C TYR A 123 -16.35 8.69 9.20
N LEU A 124 -15.08 8.86 9.56
CA LEU A 124 -14.03 8.28 8.78
C LEU A 124 -14.19 6.75 8.64
N HIS A 125 -14.44 6.08 9.76
CA HIS A 125 -14.52 4.62 9.76
C HIS A 125 -15.74 4.11 8.98
N SER A 126 -16.79 4.92 8.97
CA SER A 126 -17.99 4.59 8.18
C SER A 126 -17.67 4.58 6.69
N LYS A 127 -16.61 5.28 6.27
CA LYS A 127 -16.16 5.29 4.89
C LYS A 127 -14.94 4.40 4.70
N ARG A 128 -14.67 3.57 5.70
CA ARG A 128 -13.51 2.67 5.74
C ARG A 128 -12.16 3.38 5.65
N ILE A 129 -12.08 4.61 6.11
CA ILE A 129 -10.83 5.35 6.13
C ILE A 129 -10.17 5.24 7.51
N ALA A 130 -8.99 4.64 7.51
CA ALA A 130 -8.11 4.64 8.68
C ALA A 130 -7.20 5.84 8.59
N HIS A 131 -7.18 6.66 9.63
CA HIS A 131 -6.32 7.86 9.64
C HIS A 131 -4.82 7.46 9.81
N PHE A 132 -4.57 6.59 10.76
CA PHE A 132 -3.24 6.03 11.05
C PHE A 132 -2.24 6.96 11.71
N ASP A 133 -2.58 8.22 11.93
CA ASP A 133 -1.70 9.05 12.75
C ASP A 133 -2.48 9.99 13.65
N LEU A 134 -3.43 9.43 14.36
CA LEU A 134 -4.18 10.22 15.32
C LEU A 134 -3.21 10.44 16.50
N LYS A 135 -3.04 11.69 16.84
CA LYS A 135 -2.20 12.11 17.95
C LYS A 135 -2.57 13.55 18.22
N PRO A 136 -2.24 14.06 19.40
CA PRO A 136 -2.64 15.43 19.70
C PRO A 136 -2.25 16.53 18.67
N GLU A 137 -1.09 16.45 18.03
CA GLU A 137 -0.72 17.43 17.02
C GLU A 137 -1.69 17.50 15.84
N ASN A 138 -2.44 16.45 15.60
CA ASN A 138 -3.40 16.38 14.45
C ASN A 138 -4.83 16.64 14.92
N ILE A 139 -4.98 17.08 16.17
CA ILE A 139 -6.30 17.43 16.71
C ILE A 139 -6.28 18.92 16.97
N MET A 140 -6.84 19.67 16.01
N MET A 140 -6.85 19.67 16.01
CA MET A 140 -6.81 21.12 16.06
CA MET A 140 -6.82 21.12 16.05
C MET A 140 -8.19 21.67 16.44
C MET A 140 -8.19 21.67 16.42
N LEU A 141 -8.25 22.98 16.60
CA LEU A 141 -9.51 23.69 16.79
C LEU A 141 -9.71 24.66 15.64
N LEU A 142 -10.95 24.80 15.20
CA LEU A 142 -11.27 25.71 14.11
C LEU A 142 -10.99 27.15 14.57
N ASP A 143 -11.53 27.47 15.73
CA ASP A 143 -11.45 28.81 16.38
C ASP A 143 -11.45 28.64 17.91
N LYS A 144 -10.38 29.08 18.57
CA LYS A 144 -10.25 28.80 19.98
C LYS A 144 -10.90 29.86 20.87
N ASN A 145 -11.45 30.90 20.28
CA ASN A 145 -12.00 32.01 21.08
C ASN A 145 -13.50 31.98 21.30
N VAL A 146 -14.19 31.07 20.63
CA VAL A 146 -15.63 30.88 20.79
C VAL A 146 -16.00 30.06 22.05
N PRO A 147 -17.26 30.12 22.49
CA PRO A 147 -17.69 29.36 23.68
C PRO A 147 -17.47 27.83 23.63
N ASN A 148 -17.85 27.19 22.52
CA ASN A 148 -17.72 25.73 22.41
C ASN A 148 -16.85 25.39 21.19
N PRO A 149 -15.53 25.34 21.39
CA PRO A 149 -14.67 25.19 20.21
C PRO A 149 -14.87 23.85 19.47
N ARG A 150 -14.73 23.92 18.15
CA ARG A 150 -14.93 22.79 17.27
C ARG A 150 -13.61 22.12 16.92
N ILE A 151 -13.52 20.83 17.22
CA ILE A 151 -12.41 20.00 16.83
C ILE A 151 -12.33 19.79 15.33
N LYS A 152 -11.11 19.86 14.81
CA LYS A 152 -10.83 19.49 13.45
C LYS A 152 -9.69 18.52 13.40
N LEU A 153 -9.96 17.35 12.87
CA LEU A 153 -8.91 16.36 12.61
C LEU A 153 -8.23 16.70 11.29
N ILE A 154 -6.90 16.75 11.32
CA ILE A 154 -6.09 17.10 10.13
C ILE A 154 -5.06 16.01 9.76
N ASP A 155 -4.46 16.19 8.59
CA ASP A 155 -3.28 15.43 8.13
C ASP A 155 -3.57 13.97 7.78
N PHE A 156 -4.03 13.82 6.54
CA PHE A 156 -4.34 12.51 5.96
C PHE A 156 -3.20 11.93 5.12
N GLY A 157 -1.99 12.38 5.42
CA GLY A 157 -0.79 11.95 4.70
C GLY A 157 -0.50 10.46 4.74
N ILE A 158 -0.91 9.73 5.79
CA ILE A 158 -0.75 8.27 5.81
C ILE A 158 -2.05 7.51 5.93
N ALA A 159 -3.18 8.22 5.76
CA ALA A 159 -4.51 7.61 5.80
C ALA A 159 -4.69 6.66 4.62
N HIS A 160 -5.41 5.57 4.86
CA HIS A 160 -5.72 4.60 3.79
C HIS A 160 -7.16 4.16 3.89
N LYS A 161 -7.76 3.87 2.74
CA LYS A 161 -9.03 3.12 2.71
C LYS A 161 -8.76 1.65 2.98
N ILE A 162 -9.54 1.05 3.86
CA ILE A 162 -9.35 -0.35 4.26
C ILE A 162 -10.36 -1.20 3.45
N GLU A 163 -9.85 -1.87 2.43
CA GLU A 163 -10.64 -2.80 1.61
C GLU A 163 -11.16 -3.98 2.44
N ALA A 164 -12.22 -4.63 1.94
CA ALA A 164 -12.66 -5.92 2.47
C ALA A 164 -11.57 -6.99 2.30
N GLY A 165 -11.44 -7.89 3.29
CA GLY A 165 -10.41 -8.94 3.28
C GLY A 165 -10.27 -9.76 2.01
N ASN A 166 -11.40 -10.08 1.37
CA ASN A 166 -11.41 -10.86 0.11
C ASN A 166 -10.86 -10.11 -1.12
N GLU A 167 -10.90 -8.78 -1.08
CA GLU A 167 -10.37 -7.99 -2.19
C GLU A 167 -8.86 -8.21 -2.37
N PHE A 168 -8.17 -8.58 -1.29
CA PHE A 168 -6.73 -8.89 -1.34
C PHE A 168 -6.44 -10.23 -1.97
N LYS A 169 -7.14 -11.25 -1.51
CA LYS A 169 -6.89 -12.63 -1.93
C LYS A 169 -7.15 -12.87 -3.43
N ASN A 170 -8.20 -12.23 -3.95
CA ASN A 170 -8.62 -12.40 -5.35
C ASN A 170 -7.59 -11.99 -6.39
N ILE A 171 -6.73 -11.04 -6.02
CA ILE A 171 -5.80 -10.47 -7.00
C ILE A 171 -4.75 -11.46 -7.52
N PHE A 172 -4.52 -12.54 -6.76
CA PHE A 172 -3.51 -13.55 -7.12
C PHE A 172 -4.05 -14.66 -8.05
N GLY A 173 -5.37 -14.67 -8.26
CA GLY A 173 -6.03 -15.71 -9.07
C GLY A 173 -6.31 -16.95 -8.24
N THR A 174 -5.25 -17.60 -7.79
CA THR A 174 -5.32 -18.73 -6.85
C THR A 174 -4.09 -18.63 -5.97
N PRO A 175 -4.05 -19.36 -4.85
CA PRO A 175 -2.93 -19.20 -3.92
C PRO A 175 -1.71 -20.08 -4.21
N GLU A 176 -1.72 -20.80 -5.31
CA GLU A 176 -0.76 -21.84 -5.59
C GLU A 176 0.73 -21.40 -5.47
N PHE A 177 1.00 -20.15 -5.90
CA PHE A 177 2.34 -19.63 -5.99
C PHE A 177 2.72 -18.60 -4.93
N VAL A 178 1.82 -18.35 -4.00
CA VAL A 178 2.05 -17.30 -3.01
C VAL A 178 2.81 -17.81 -1.80
N ALA A 179 3.66 -16.95 -1.26
CA ALA A 179 4.47 -17.26 -0.10
C ALA A 179 3.70 -17.27 1.24
N PRO A 180 4.30 -17.91 2.25
CA PRO A 180 3.59 -18.02 3.53
C PRO A 180 3.24 -16.68 4.16
N GLU A 181 4.06 -15.67 3.93
CA GLU A 181 3.81 -14.34 4.50
C GLU A 181 2.61 -13.68 3.85
N ILE A 182 2.31 -14.05 2.61
CA ILE A 182 1.06 -13.60 1.98
C ILE A 182 -0.13 -14.38 2.51
N VAL A 183 0.04 -15.70 2.64
CA VAL A 183 -1.03 -16.53 3.18
C VAL A 183 -1.45 -16.01 4.55
N ASN A 184 -0.47 -15.63 5.35
CA ASN A 184 -0.71 -15.22 6.73
C ASN A 184 -0.82 -13.73 6.93
N TYR A 185 -0.94 -12.99 5.83
CA TYR A 185 -0.94 -11.54 5.88
C TYR A 185 -2.12 -11.04 6.70
N GLU A 186 -1.80 -10.18 7.67
CA GLU A 186 -2.82 -9.54 8.54
C GLU A 186 -2.74 -8.04 8.31
N PRO A 187 -3.65 -7.50 7.50
CA PRO A 187 -3.55 -6.09 7.17
C PRO A 187 -3.86 -5.19 8.36
N LEU A 188 -3.21 -4.04 8.37
CA LEU A 188 -3.51 -2.97 9.33
C LEU A 188 -4.87 -2.43 9.02
N GLY A 189 -5.64 -2.07 10.05
CA GLY A 189 -7.04 -1.72 9.85
C GLY A 189 -7.46 -0.54 10.71
N LEU A 190 -8.76 -0.39 10.81
CA LEU A 190 -9.37 0.69 11.55
C LEU A 190 -9.09 0.57 13.03
N GLU A 191 -8.75 -0.66 13.50
CA GLU A 191 -8.51 -0.86 14.92
C GLU A 191 -7.31 -0.05 15.43
N ALA A 192 -6.37 0.21 14.56
CA ALA A 192 -5.22 1.04 14.98
C ALA A 192 -5.60 2.43 15.47
N ASP A 193 -6.54 3.08 14.78
CA ASP A 193 -7.07 4.36 15.24
C ASP A 193 -7.74 4.25 16.60
N MET A 194 -8.41 3.11 16.88
CA MET A 194 -9.06 2.94 18.16
C MET A 194 -8.06 2.86 19.32
N TRP A 195 -6.97 2.16 19.10
CA TRP A 195 -5.82 2.24 20.02
C TRP A 195 -5.34 3.65 20.27
N SER A 196 -5.11 4.41 19.19
CA SER A 196 -4.66 5.78 19.33
C SER A 196 -5.62 6.59 20.15
N ILE A 197 -6.91 6.42 19.95
CA ILE A 197 -7.93 7.08 20.75
C ILE A 197 -7.80 6.75 22.24
N GLY A 198 -7.48 5.50 22.56
CA GLY A 198 -7.27 5.10 23.93
C GLY A 198 -6.10 5.88 24.52
N VAL A 199 -5.03 6.03 23.74
CA VAL A 199 -3.86 6.78 24.22
C VAL A 199 -4.16 8.26 24.40
N ILE A 200 -4.83 8.85 23.41
CA ILE A 200 -5.28 10.22 23.49
C ILE A 200 -6.15 10.46 24.71
N THR A 201 -7.08 9.55 24.99
CA THR A 201 -7.97 9.70 26.14
C THR A 201 -7.17 9.68 27.44
N TYR A 202 -6.23 8.75 27.50
CA TYR A 202 -5.38 8.59 28.68
C TYR A 202 -4.66 9.89 29.02
N ILE A 203 -4.03 10.49 28.01
CA ILE A 203 -3.30 11.71 28.23
C ILE A 203 -4.22 12.90 28.47
N LEU A 204 -5.35 12.95 27.77
CA LEU A 204 -6.32 14.04 27.95
C LEU A 204 -6.78 14.11 29.40
N LEU A 205 -7.01 12.95 30.00
CA LEU A 205 -7.53 12.90 31.36
C LEU A 205 -6.49 13.12 32.42
N SER A 206 -5.26 12.69 32.15
CA SER A 206 -4.23 12.56 33.22
C SER A 206 -3.01 13.49 33.05
N GLY A 207 -2.74 13.92 31.82
CA GLY A 207 -1.54 14.69 31.55
C GLY A 207 -0.32 13.80 31.38
N ALA A 208 -0.44 12.49 31.53
CA ALA A 208 0.66 11.56 31.41
C ALA A 208 0.57 10.72 30.15
N SER A 209 1.70 10.48 29.52
CA SER A 209 1.77 9.62 28.36
C SER A 209 1.98 8.17 28.80
N PRO A 210 1.08 7.23 28.43
CA PRO A 210 1.07 5.91 29.08
C PRO A 210 2.27 5.03 28.76
N PHE A 211 2.80 5.13 27.53
CA PHE A 211 3.89 4.29 27.09
C PHE A 211 5.24 4.97 26.90
N LEU A 212 5.32 6.29 27.10
CA LEU A 212 6.54 7.03 26.78
C LEU A 212 7.71 6.50 27.61
N GLY A 213 8.78 6.09 26.93
CA GLY A 213 10.04 5.67 27.60
C GLY A 213 11.13 6.70 27.41
N GLU A 214 12.34 6.35 27.81
CA GLU A 214 13.43 7.32 27.75
C GLU A 214 13.94 7.56 26.33
N THR A 215 13.79 6.54 25.49
CA THR A 215 14.13 6.60 24.05
C THR A 215 12.90 6.17 23.24
N LYS A 216 12.89 6.47 21.95
CA LYS A 216 11.81 5.99 21.09
C LYS A 216 11.77 4.48 21.15
N GLN A 217 12.93 3.82 21.16
CA GLN A 217 12.91 2.38 21.22
C GLN A 217 12.24 1.86 22.48
N GLU A 218 12.46 2.50 23.63
CA GLU A 218 11.79 2.09 24.85
C GLU A 218 10.25 2.30 24.77
N THR A 219 9.84 3.43 24.26
CA THR A 219 8.40 3.68 24.02
C THR A 219 7.80 2.52 23.18
N LEU A 220 8.47 2.15 22.09
CA LEU A 220 7.97 1.07 21.24
C LEU A 220 7.88 -0.27 21.96
N THR A 221 8.89 -0.60 22.76
CA THR A 221 8.83 -1.78 23.59
C THR A 221 7.63 -1.75 24.55
N ASN A 222 7.40 -0.61 25.19
CA ASN A 222 6.27 -0.45 26.11
C ASN A 222 4.92 -0.67 25.39
N ILE A 223 4.80 -0.10 24.19
CA ILE A 223 3.57 -0.26 23.43
C ILE A 223 3.31 -1.74 23.14
N SER A 224 4.31 -2.43 22.58
CA SER A 224 4.17 -3.82 22.19
C SER A 224 3.80 -4.77 23.34
N ALA A 225 4.33 -4.45 24.53
CA ALA A 225 4.03 -5.19 25.76
C ALA A 225 2.72 -4.75 26.46
N VAL A 226 2.10 -3.69 25.96
CA VAL A 226 0.97 -3.04 26.66
C VAL A 226 1.31 -2.77 28.13
N ASN A 227 2.45 -2.14 28.32
CA ASN A 227 3.00 -1.83 29.62
C ASN A 227 2.63 -0.45 30.07
N TYR A 228 1.46 -0.35 30.72
CA TYR A 228 0.98 0.89 31.27
C TYR A 228 0.23 0.56 32.54
N ASP A 229 -0.06 1.59 33.31
CA ASP A 229 -0.95 1.46 34.46
C ASP A 229 -1.79 2.69 34.65
N PHE A 230 -2.66 2.63 35.67
CA PHE A 230 -3.44 3.76 36.10
C PHE A 230 -3.03 4.23 37.50
N ASP A 231 -1.78 4.60 37.64
CA ASP A 231 -1.30 5.00 38.96
C ASP A 231 -2.12 6.13 39.54
N GLU A 232 -2.43 6.00 40.83
CA GLU A 232 -3.18 7.01 41.54
C GLU A 232 -2.56 8.40 41.54
N GLU A 233 -1.26 8.56 41.37
CA GLU A 233 -0.72 9.90 41.29
C GLU A 233 -1.28 10.64 40.10
N TYR A 234 -1.70 9.90 39.06
CA TYR A 234 -2.27 10.52 37.88
C TYR A 234 -3.78 10.36 37.77
N PHE A 235 -4.32 9.28 38.33
CA PHE A 235 -5.71 8.92 38.07
C PHE A 235 -6.63 9.02 39.29
N SER A 236 -6.17 9.64 40.37
CA SER A 236 -7.02 9.70 41.57
C SER A 236 -8.34 10.48 41.41
N ASN A 237 -8.45 11.42 40.47
CA ASN A 237 -9.71 12.11 40.16
C ASN A 237 -10.35 11.66 38.86
N THR A 238 -10.07 10.44 38.45
CA THR A 238 -10.65 9.89 37.21
C THR A 238 -11.61 8.78 37.55
N SER A 239 -12.77 8.80 36.91
CA SER A 239 -13.78 7.77 37.14
C SER A 239 -13.41 6.36 36.68
N GLU A 240 -14.05 5.35 37.29
CA GLU A 240 -13.84 3.99 36.87
C GLU A 240 -14.35 3.74 35.44
N LEU A 241 -15.43 4.40 35.04
CA LEU A 241 -15.91 4.18 33.67
C LEU A 241 -14.90 4.73 32.64
N ALA A 242 -14.28 5.86 32.99
CA ALA A 242 -13.20 6.40 32.12
C ALA A 242 -12.07 5.41 31.97
N LYS A 243 -11.64 4.84 33.09
CA LYS A 243 -10.60 3.82 33.00
C LYS A 243 -11.02 2.59 32.22
N ASP A 244 -12.28 2.17 32.37
CA ASP A 244 -12.77 1.04 31.66
C ASP A 244 -12.75 1.31 30.15
N PHE A 245 -13.17 2.51 29.75
CA PHE A 245 -13.16 2.90 28.35
C PHE A 245 -11.73 2.75 27.79
N ILE A 246 -10.74 3.32 28.48
CA ILE A 246 -9.35 3.22 28.03
C ILE A 246 -8.89 1.75 27.97
N ARG A 247 -9.18 0.97 29.03
CA ARG A 247 -8.78 -0.44 29.05
C ARG A 247 -9.28 -1.26 27.88
N ARG A 248 -10.49 -0.95 27.43
CA ARG A 248 -11.09 -1.65 26.32
C ARG A 248 -10.56 -1.23 24.93
N LEU A 249 -9.75 -0.16 24.89
CA LEU A 249 -9.09 0.29 23.68
C LEU A 249 -7.63 -0.15 23.63
N LEU A 250 -6.95 -0.13 24.78
CA LEU A 250 -5.54 -0.47 24.84
C LEU A 250 -5.36 -1.99 25.02
N VAL A 251 -5.75 -2.68 23.97
CA VAL A 251 -5.77 -4.12 23.87
C VAL A 251 -4.81 -4.52 22.76
N LYS A 252 -3.87 -5.41 23.07
CA LYS A 252 -2.88 -5.81 22.06
C LYS A 252 -3.49 -6.40 20.80
N ASP A 253 -4.40 -7.34 20.97
CA ASP A 253 -5.07 -7.97 19.85
C ASP A 253 -6.10 -6.99 19.21
N PRO A 254 -5.84 -6.54 17.98
CA PRO A 254 -6.75 -5.57 17.36
C PRO A 254 -8.21 -6.07 17.30
N LYS A 255 -8.39 -7.37 17.09
CA LYS A 255 -9.73 -7.97 17.02
C LYS A 255 -10.52 -7.98 18.33
N ARG A 256 -9.88 -7.73 19.47
CA ARG A 256 -10.53 -7.63 20.77
C ARG A 256 -10.74 -6.22 21.27
N ARG A 257 -10.23 -5.25 20.52
CA ARG A 257 -10.39 -3.83 20.87
C ARG A 257 -11.82 -3.33 20.56
N MET A 258 -12.34 -2.36 21.31
CA MET A 258 -13.62 -1.75 20.96
C MET A 258 -13.50 -1.07 19.63
N THR A 259 -14.57 -1.19 18.87
CA THR A 259 -14.71 -0.50 17.59
C THR A 259 -15.23 0.90 17.88
N ILE A 260 -15.30 1.75 16.86
CA ILE A 260 -15.80 3.08 17.08
C ILE A 260 -17.28 3.08 17.49
N ALA A 261 -18.07 2.19 16.89
CA ALA A 261 -19.51 2.07 17.31
C ALA A 261 -19.62 1.69 18.80
N GLN A 262 -18.81 0.72 19.22
CA GLN A 262 -18.83 0.30 20.63
C GLN A 262 -18.37 1.42 21.54
N SER A 263 -17.40 2.19 21.08
CA SER A 263 -16.87 3.32 21.85
C SER A 263 -17.96 4.36 22.11
N LEU A 264 -18.79 4.61 21.09
CA LEU A 264 -19.85 5.57 21.23
C LEU A 264 -21.02 5.04 22.08
N GLU A 265 -21.20 3.72 22.13
CA GLU A 265 -22.25 3.10 22.96
C GLU A 265 -21.79 2.89 24.41
N HIS A 266 -20.48 2.99 24.64
CA HIS A 266 -19.95 2.86 26.01
C HIS A 266 -20.61 3.82 26.99
N SER A 267 -20.99 3.30 28.18
CA SER A 267 -21.70 4.12 29.13
C SER A 267 -21.02 5.46 29.46
N TRP A 268 -19.69 5.48 29.50
CA TRP A 268 -18.98 6.71 29.81
C TRP A 268 -19.29 7.81 28.77
N ILE A 269 -19.36 7.42 27.52
CA ILE A 269 -19.64 8.36 26.42
C ILE A 269 -21.14 8.69 26.33
N LYS A 270 -21.98 7.66 26.48
CA LYS A 270 -23.44 7.89 26.44
C LYS A 270 -23.91 8.85 27.53
N ALA A 271 -23.20 8.91 28.65
CA ALA A 271 -23.56 9.83 29.73
C ALA A 271 -23.27 11.30 29.39
N ILE A 272 -22.45 11.52 28.37
CA ILE A 272 -22.22 12.84 27.69
C ILE A 272 -20.74 13.11 27.61
N SER B 1 -2.12 14.73 -27.10
CA SER B 1 -2.25 13.71 -28.19
C SER B 1 -3.35 12.73 -27.85
N MET B 2 -4.03 12.27 -28.90
CA MET B 2 -4.94 11.15 -28.78
C MET B 2 -4.28 9.92 -29.42
N VAL B 3 -4.54 8.75 -28.83
CA VAL B 3 -3.83 7.53 -29.26
C VAL B 3 -4.10 7.21 -30.74
N GLU B 4 -5.32 7.47 -31.20
CA GLU B 4 -5.71 7.12 -32.58
C GLU B 4 -4.98 7.96 -33.64
N ASP B 5 -4.50 9.14 -33.25
CA ASP B 5 -3.73 9.99 -34.16
C ASP B 5 -2.33 9.43 -34.38
N HIS B 6 -1.88 8.55 -33.46
CA HIS B 6 -0.53 8.01 -33.52
C HIS B 6 -0.45 6.50 -33.79
N TYR B 7 -1.55 5.78 -33.57
CA TYR B 7 -1.57 4.32 -33.64
C TYR B 7 -2.81 3.85 -34.38
N GLU B 8 -2.66 2.87 -35.25
CA GLU B 8 -3.79 2.17 -35.88
C GLU B 8 -4.21 1.03 -34.96
N MET B 9 -5.46 1.03 -34.52
CA MET B 9 -5.93 -0.02 -33.63
C MET B 9 -6.42 -1.23 -34.41
N GLY B 10 -6.22 -2.42 -33.85
CA GLY B 10 -6.54 -3.67 -34.54
C GLY B 10 -7.34 -4.59 -33.65
N GLU B 11 -7.07 -5.88 -33.72
CA GLU B 11 -7.92 -6.88 -33.08
C GLU B 11 -7.68 -7.00 -31.58
N GLU B 12 -8.74 -7.33 -30.85
CA GLU B 12 -8.65 -7.53 -29.41
C GLU B 12 -7.80 -8.76 -29.03
N LEU B 13 -6.87 -8.57 -28.09
CA LEU B 13 -5.94 -9.64 -27.69
C LEU B 13 -6.30 -10.30 -26.36
N GLY B 14 -6.97 -9.58 -25.49
CA GLY B 14 -7.14 -10.07 -24.13
C GLY B 14 -7.87 -9.05 -23.27
N SER B 15 -8.03 -9.41 -22.00
CA SER B 15 -8.71 -8.57 -21.02
C SER B 15 -8.03 -8.66 -19.65
N GLY B 16 -8.18 -7.58 -18.88
CA GLY B 16 -7.66 -7.47 -17.51
C GLY B 16 -8.76 -6.87 -16.62
N GLN B 17 -8.39 -6.49 -15.41
CA GLN B 17 -9.34 -5.85 -14.48
C GLN B 17 -9.81 -4.48 -15.07
N PHE B 18 -11.04 -4.42 -15.55
CA PHE B 18 -11.60 -3.23 -16.23
C PHE B 18 -10.70 -2.73 -17.37
N ALA B 19 -10.19 -3.69 -18.15
CA ALA B 19 -9.25 -3.40 -19.23
C ALA B 19 -9.49 -4.26 -20.47
N ILE B 20 -9.22 -3.66 -21.63
CA ILE B 20 -9.23 -4.36 -22.93
C ILE B 20 -7.85 -4.18 -23.58
N VAL B 21 -7.28 -5.24 -24.15
CA VAL B 21 -6.01 -5.14 -24.89
C VAL B 21 -6.29 -5.34 -26.37
N ARG B 22 -5.74 -4.47 -27.22
CA ARG B 22 -5.89 -4.55 -28.65
C ARG B 22 -4.53 -4.48 -29.29
N LYS B 23 -4.34 -5.21 -30.38
CA LYS B 23 -3.12 -5.06 -31.15
C LYS B 23 -3.16 -3.69 -31.80
N CYS B 24 -2.01 -3.07 -31.98
CA CYS B 24 -1.96 -1.79 -32.67
C CYS B 24 -0.64 -1.60 -33.44
N ARG B 25 -0.61 -0.58 -34.30
CA ARG B 25 0.58 -0.28 -35.13
C ARG B 25 0.89 1.20 -35.10
N GLN B 26 2.14 1.55 -34.84
CA GLN B 26 2.54 2.93 -34.74
C GLN B 26 2.63 3.57 -36.12
N LYS B 27 1.92 4.68 -36.30
CA LYS B 27 2.05 5.47 -37.53
C LYS B 27 3.46 6.09 -37.65
N GLY B 28 4.04 5.98 -38.82
CA GLY B 28 5.36 6.54 -38.97
C GLY B 28 6.44 5.50 -38.78
N THR B 29 6.16 4.37 -38.12
CA THR B 29 7.19 3.30 -38.04
C THR B 29 6.71 1.94 -38.50
N GLY B 30 5.40 1.71 -38.50
CA GLY B 30 4.83 0.42 -38.85
C GLY B 30 5.08 -0.70 -37.82
N LYS B 31 5.59 -0.31 -36.66
CA LYS B 31 5.88 -1.31 -35.62
C LYS B 31 4.66 -1.65 -34.79
N GLU B 32 4.48 -2.92 -34.45
CA GLU B 32 3.29 -3.35 -33.72
C GLU B 32 3.54 -3.39 -32.23
N TYR B 33 2.47 -3.09 -31.50
CA TYR B 33 2.43 -2.99 -30.04
C TYR B 33 1.14 -3.59 -29.52
N ALA B 34 1.04 -3.72 -28.20
CA ALA B 34 -0.23 -4.05 -27.55
C ALA B 34 -0.71 -2.78 -26.86
N ALA B 35 -1.95 -2.39 -27.11
CA ALA B 35 -2.54 -1.24 -26.43
C ALA B 35 -3.53 -1.71 -25.39
N LYS B 36 -3.27 -1.35 -24.14
CA LYS B 36 -4.10 -1.79 -23.03
C LYS B 36 -4.91 -0.59 -22.56
N PHE B 37 -6.22 -0.68 -22.70
CA PHE B 37 -7.15 0.43 -22.35
C PHE B 37 -7.70 0.14 -20.98
N ILE B 38 -7.37 0.97 -19.99
CA ILE B 38 -7.78 0.74 -18.60
C ILE B 38 -8.88 1.77 -18.29
N LYS B 39 -10.05 1.29 -17.85
CA LYS B 39 -11.18 2.20 -17.57
C LYS B 39 -10.92 2.91 -16.26
N LYS B 40 -11.02 4.22 -16.27
CA LYS B 40 -10.80 5.03 -15.08
C LYS B 40 -12.05 5.03 -14.22
N ARG B 41 -11.84 5.02 -12.92
CA ARG B 41 -12.95 5.12 -11.97
C ARG B 41 -13.37 6.59 -11.87
N ARG B 42 -14.67 6.83 -12.07
CA ARG B 42 -15.26 8.16 -11.85
C ARG B 42 -15.36 8.48 -10.36
N LEU B 43 -15.23 9.76 -10.03
CA LEU B 43 -15.32 10.16 -8.61
C LEU B 43 -16.65 9.77 -7.95
N SER B 44 -17.71 9.62 -8.75
CA SER B 44 -19.01 9.23 -8.20
C SER B 44 -19.23 7.71 -8.19
N SER B 45 -18.22 6.94 -8.61
CA SER B 45 -18.32 5.48 -8.67
CA SER B 45 -18.35 5.47 -8.62
C SER B 45 -17.57 4.82 -7.52
N SER B 46 -18.10 3.70 -7.03
CA SER B 46 -17.50 2.97 -5.93
C SER B 46 -16.55 1.91 -6.44
N ARG B 47 -17.07 1.03 -7.30
CA ARG B 47 -16.36 -0.21 -7.67
C ARG B 47 -16.07 -0.38 -9.16
N ARG B 48 -16.57 0.51 -10.00
CA ARG B 48 -16.36 0.38 -11.43
C ARG B 48 -15.03 1.11 -11.75
N GLY B 49 -14.26 0.57 -12.67
CA GLY B 49 -13.02 1.21 -13.08
C GLY B 49 -11.90 0.94 -12.13
N VAL B 50 -10.70 1.37 -12.52
CA VAL B 50 -9.53 1.25 -11.72
C VAL B 50 -9.21 2.61 -11.09
N SER B 51 -8.87 2.59 -9.82
CA SER B 51 -8.54 3.83 -9.13
C SER B 51 -7.30 4.49 -9.77
N ARG B 52 -7.25 5.82 -9.71
CA ARG B 52 -6.13 6.57 -10.22
C ARG B 52 -4.85 6.16 -9.51
N GLU B 53 -4.94 5.94 -8.19
CA GLU B 53 -3.77 5.54 -7.43
C GLU B 53 -3.17 4.24 -7.96
N GLU B 54 -4.01 3.26 -8.23
CA GLU B 54 -3.53 1.98 -8.70
C GLU B 54 -2.97 2.07 -10.12
N ILE B 55 -3.58 2.91 -10.95
CA ILE B 55 -3.04 3.14 -12.31
C ILE B 55 -1.66 3.80 -12.18
N GLU B 56 -1.54 4.81 -11.32
CA GLU B 56 -0.26 5.49 -11.18
C GLU B 56 0.84 4.58 -10.61
N ARG B 57 0.48 3.74 -9.64
CA ARG B 57 1.43 2.84 -9.06
C ARG B 57 2.01 1.93 -10.14
N GLU B 58 1.16 1.32 -10.96
CA GLU B 58 1.64 0.39 -11.97
C GLU B 58 2.46 1.17 -13.03
N VAL B 59 1.92 2.29 -13.50
CA VAL B 59 2.61 3.08 -14.54
C VAL B 59 4.00 3.52 -14.08
N ASN B 60 4.12 3.95 -12.83
CA ASN B 60 5.41 4.39 -12.36
C ASN B 60 6.44 3.25 -12.33
N ILE B 61 5.96 2.03 -12.06
CA ILE B 61 6.83 0.85 -12.14
C ILE B 61 7.25 0.57 -13.60
N LEU B 62 6.28 0.53 -14.48
CA LEU B 62 6.53 0.26 -15.91
C LEU B 62 7.45 1.31 -16.53
N ARG B 63 7.25 2.58 -16.16
CA ARG B 63 8.09 3.65 -16.69
C ARG B 63 9.56 3.39 -16.35
N GLU B 64 9.83 2.82 -15.18
CA GLU B 64 11.21 2.62 -14.70
C GLU B 64 11.94 1.46 -15.42
N ILE B 65 11.18 0.44 -15.80
CA ILE B 65 11.79 -0.82 -16.22
CA ILE B 65 11.68 -0.86 -16.28
C ILE B 65 12.24 -0.83 -17.70
N ARG B 66 13.48 -1.23 -17.92
CA ARG B 66 13.95 -1.61 -19.24
C ARG B 66 14.94 -2.72 -19.06
N HIS B 67 14.59 -3.90 -19.58
CA HIS B 67 15.45 -5.08 -19.42
C HIS B 67 14.97 -6.11 -20.43
N PRO B 68 15.86 -6.93 -20.95
CA PRO B 68 15.43 -7.83 -22.04
C PRO B 68 14.39 -8.86 -21.63
N ASN B 69 14.35 -9.20 -20.36
CA ASN B 69 13.42 -10.20 -19.85
C ASN B 69 12.17 -9.62 -19.22
N ILE B 70 11.89 -8.35 -19.46
CA ILE B 70 10.68 -7.74 -18.91
CA ILE B 70 10.71 -7.67 -18.87
C ILE B 70 9.94 -6.95 -19.99
N ILE B 71 8.62 -7.01 -19.97
CA ILE B 71 7.82 -6.26 -20.93
C ILE B 71 8.17 -4.76 -20.84
N THR B 72 8.24 -4.10 -22.01
CA THR B 72 8.58 -2.69 -22.07
C THR B 72 7.35 -1.81 -22.33
N LEU B 73 7.26 -0.71 -21.61
CA LEU B 73 6.25 0.32 -21.91
C LEU B 73 6.80 1.31 -22.94
N HIS B 74 6.07 1.47 -24.04
CA HIS B 74 6.47 2.35 -25.14
C HIS B 74 5.88 3.76 -25.11
N ASP B 75 4.65 3.91 -24.62
CA ASP B 75 3.91 5.19 -24.71
C ASP B 75 2.73 5.10 -23.73
N ILE B 76 2.24 6.27 -23.35
CA ILE B 76 1.03 6.35 -22.52
C ILE B 76 0.15 7.47 -23.08
N PHE B 77 -1.15 7.22 -23.18
CA PHE B 77 -2.14 8.28 -23.49
C PHE B 77 -3.25 8.24 -22.48
N GLU B 78 -3.97 9.35 -22.36
CA GLU B 78 -5.15 9.32 -21.52
C GLU B 78 -6.24 10.13 -22.21
N ASN B 79 -7.45 9.58 -22.27
CA ASN B 79 -8.63 10.30 -22.79
C ASN B 79 -9.69 10.39 -21.69
N LYS B 80 -10.92 10.75 -22.06
CA LYS B 80 -11.96 11.02 -21.06
C LYS B 80 -12.23 9.80 -20.17
N THR B 81 -12.23 8.61 -20.76
CA THR B 81 -12.65 7.43 -20.04
C THR B 81 -11.52 6.48 -19.67
N ASP B 82 -10.41 6.52 -20.41
CA ASP B 82 -9.36 5.47 -20.22
C ASP B 82 -7.95 6.01 -20.14
N VAL B 83 -7.11 5.23 -19.48
CA VAL B 83 -5.65 5.39 -19.61
C VAL B 83 -5.20 4.27 -20.56
N VAL B 84 -4.37 4.61 -21.54
CA VAL B 84 -3.98 3.64 -22.58
C VAL B 84 -2.49 3.41 -22.53
N LEU B 85 -2.09 2.19 -22.22
CA LEU B 85 -0.69 1.85 -22.18
C LEU B 85 -0.30 1.22 -23.51
N ILE B 86 0.75 1.74 -24.14
CA ILE B 86 1.27 1.12 -25.37
C ILE B 86 2.48 0.28 -24.94
N LEU B 87 2.29 -1.03 -24.97
CA LEU B 87 3.25 -1.97 -24.47
C LEU B 87 3.91 -2.78 -25.60
N GLU B 88 5.11 -3.26 -25.31
CA GLU B 88 5.72 -4.22 -26.20
C GLU B 88 4.77 -5.39 -26.47
N LEU B 89 4.70 -5.82 -27.72
CA LEU B 89 3.88 -6.93 -28.11
C LEU B 89 4.62 -8.24 -27.83
N VAL B 90 4.09 -9.04 -26.92
CA VAL B 90 4.71 -10.31 -26.53
C VAL B 90 3.83 -11.40 -27.15
N SER B 91 4.35 -12.09 -28.18
CA SER B 91 3.54 -12.96 -29.04
C SER B 91 3.76 -14.44 -28.89
N GLY B 92 4.78 -14.84 -28.13
CA GLY B 92 5.19 -16.23 -28.11
C GLY B 92 4.45 -17.15 -27.15
N GLY B 93 3.51 -16.63 -26.39
CA GLY B 93 2.71 -17.43 -25.47
C GLY B 93 3.45 -17.79 -24.21
N GLU B 94 2.84 -18.64 -23.38
CA GLU B 94 3.43 -19.01 -22.12
C GLU B 94 4.66 -19.90 -22.26
N LEU B 95 5.70 -19.65 -21.50
CA LEU B 95 6.83 -20.54 -21.44
C LEU B 95 6.45 -22.00 -21.27
N PHE B 96 5.59 -22.28 -20.31
CA PHE B 96 5.28 -23.66 -19.96
C PHE B 96 4.56 -24.36 -21.14
N ASP B 97 3.77 -23.63 -21.92
CA ASP B 97 3.16 -24.23 -23.11
C ASP B 97 4.20 -24.60 -24.16
N PHE B 98 5.19 -23.74 -24.32
CA PHE B 98 6.28 -23.99 -25.29
C PHE B 98 7.09 -25.21 -24.85
N LEU B 99 7.36 -25.30 -23.57
CA LEU B 99 8.14 -26.43 -23.02
C LEU B 99 7.37 -27.74 -23.14
N ALA B 100 6.05 -27.66 -22.91
CA ALA B 100 5.18 -28.85 -22.99
C ALA B 100 5.16 -29.44 -24.39
N GLU B 101 5.50 -28.63 -25.39
CA GLU B 101 5.55 -29.06 -26.78
C GLU B 101 6.88 -29.68 -27.19
N LYS B 102 7.88 -29.70 -26.32
CA LYS B 102 9.18 -30.25 -26.70
C LYS B 102 9.13 -31.78 -26.62
N GLU B 103 9.84 -32.44 -27.54
CA GLU B 103 9.89 -33.90 -27.53
C GLU B 103 10.52 -34.33 -26.22
N SER B 104 11.65 -33.70 -25.92
CA SER B 104 12.33 -33.92 -24.66
C SER B 104 12.74 -32.58 -24.09
N LEU B 105 12.81 -32.52 -22.77
CA LEU B 105 13.40 -31.36 -22.09
C LEU B 105 14.36 -31.86 -21.03
N THR B 106 15.61 -31.46 -21.17
CA THR B 106 16.63 -31.84 -20.23
C THR B 106 16.65 -30.87 -19.08
N GLU B 107 17.24 -31.31 -17.99
CA GLU B 107 17.43 -30.42 -16.88
C GLU B 107 18.28 -29.22 -17.29
N ASP B 108 19.31 -29.43 -18.10
CA ASP B 108 20.13 -28.31 -18.55
C ASP B 108 19.34 -27.30 -19.38
N GLU B 109 18.46 -27.78 -20.26
CA GLU B 109 17.59 -26.86 -21.01
C GLU B 109 16.69 -26.08 -20.07
N ALA B 110 16.14 -26.77 -19.07
CA ALA B 110 15.23 -26.13 -18.10
C ALA B 110 15.97 -25.01 -17.36
N THR B 111 17.23 -25.24 -17.00
CA THR B 111 17.95 -24.25 -16.21
C THR B 111 18.22 -23.01 -17.03
N GLN B 112 18.41 -23.17 -18.32
CA GLN B 112 18.68 -22.02 -19.16
C GLN B 112 17.46 -21.09 -19.20
N PHE B 113 16.24 -21.64 -19.27
CA PHE B 113 15.06 -20.78 -19.19
C PHE B 113 14.88 -20.17 -17.82
N LEU B 114 15.13 -20.97 -16.79
CA LEU B 114 15.04 -20.47 -15.43
C LEU B 114 16.02 -19.33 -15.20
N LYS B 115 17.22 -19.44 -15.74
CA LYS B 115 18.17 -18.32 -15.63
C LYS B 115 17.66 -16.99 -16.22
N GLN B 116 16.95 -17.05 -17.32
CA GLN B 116 16.35 -15.81 -17.85
C GLN B 116 15.32 -15.22 -16.88
N ILE B 117 14.49 -16.05 -16.25
CA ILE B 117 13.57 -15.56 -15.23
C ILE B 117 14.37 -14.92 -14.09
N LEU B 118 15.43 -15.59 -13.66
CA LEU B 118 16.28 -15.04 -12.59
C LEU B 118 16.89 -13.70 -13.01
N ASP B 119 17.30 -13.56 -14.27
CA ASP B 119 17.88 -12.30 -14.76
C ASP B 119 16.86 -11.13 -14.68
N GLY B 120 15.61 -11.39 -15.08
CA GLY B 120 14.56 -10.42 -14.99
C GLY B 120 14.28 -10.04 -13.55
N VAL B 121 14.19 -11.04 -12.68
CA VAL B 121 13.91 -10.76 -11.28
C VAL B 121 15.08 -10.02 -10.61
N HIS B 122 16.32 -10.37 -11.00
CA HIS B 122 17.51 -9.68 -10.49
C HIS B 122 17.40 -8.18 -10.79
N TYR B 123 17.00 -7.86 -12.00
CA TYR B 123 16.79 -6.47 -12.42
C TYR B 123 15.69 -5.81 -11.61
N LEU B 124 14.51 -6.44 -11.52
CA LEU B 124 13.41 -5.89 -10.71
C LEU B 124 13.84 -5.62 -9.27
N HIS B 125 14.44 -6.62 -8.63
CA HIS B 125 14.89 -6.50 -7.25
C HIS B 125 15.94 -5.41 -7.05
N SER B 126 16.74 -5.18 -8.06
CA SER B 126 17.76 -4.10 -8.01
C SER B 126 17.11 -2.74 -7.96
N LYS B 127 15.86 -2.64 -8.42
CA LYS B 127 15.05 -1.41 -8.37
C LYS B 127 14.09 -1.41 -7.17
N ARG B 128 14.25 -2.38 -6.28
CA ARG B 128 13.36 -2.59 -5.14
C ARG B 128 11.93 -2.84 -5.56
N ILE B 129 11.72 -3.47 -6.71
CA ILE B 129 10.36 -3.81 -7.20
C ILE B 129 10.09 -5.28 -6.91
N ALA B 130 9.08 -5.54 -6.10
CA ALA B 130 8.54 -6.89 -5.95
C ALA B 130 7.45 -7.07 -6.96
N HIS B 131 7.52 -8.16 -7.73
CA HIS B 131 6.47 -8.44 -8.71
C HIS B 131 5.17 -8.90 -8.06
N PHE B 132 5.33 -9.83 -7.12
CA PHE B 132 4.26 -10.36 -6.26
C PHE B 132 3.27 -11.26 -6.95
N ASP B 133 3.42 -11.49 -8.24
CA ASP B 133 2.50 -12.39 -8.94
C ASP B 133 3.24 -13.25 -9.96
N LEU B 134 4.43 -13.75 -9.57
CA LEU B 134 5.18 -14.58 -10.46
C LEU B 134 4.56 -15.97 -10.46
N LYS B 135 4.18 -16.38 -11.65
CA LYS B 135 3.55 -17.69 -11.88
C LYS B 135 3.64 -17.96 -13.37
N PRO B 136 3.42 -19.22 -13.78
CA PRO B 136 3.57 -19.54 -15.19
C PRO B 136 2.81 -18.67 -16.15
N GLU B 137 1.60 -18.24 -15.80
CA GLU B 137 0.86 -17.50 -16.75
C GLU B 137 1.42 -16.07 -17.01
N ASN B 138 2.33 -15.61 -16.14
CA ASN B 138 3.00 -14.32 -16.30
C ASN B 138 4.42 -14.43 -16.83
N ILE B 139 4.80 -15.62 -17.27
CA ILE B 139 6.13 -15.87 -17.84
C ILE B 139 5.89 -16.24 -19.29
N MET B 140 6.04 -15.26 -20.17
N MET B 140 6.06 -15.27 -20.17
CA MET B 140 5.76 -15.46 -21.58
CA MET B 140 5.77 -15.44 -21.58
C MET B 140 7.04 -15.54 -22.38
C MET B 140 7.05 -15.50 -22.39
N LEU B 141 6.90 -15.76 -23.68
CA LEU B 141 8.01 -15.70 -24.63
C LEU B 141 7.76 -14.59 -25.64
N LEU B 142 8.81 -13.85 -25.98
CA LEU B 142 8.65 -12.75 -26.93
C LEU B 142 8.23 -13.26 -28.30
N ASP B 143 8.92 -14.29 -28.76
CA ASP B 143 8.76 -14.93 -30.09
C ASP B 143 9.15 -16.40 -29.93
N LYS B 144 8.22 -17.30 -30.20
CA LYS B 144 8.46 -18.71 -29.98
C LYS B 144 9.16 -19.38 -31.15
N ASN B 145 9.18 -18.72 -32.30
CA ASN B 145 9.68 -19.34 -33.52
C ASN B 145 11.14 -19.03 -33.80
N VAL B 146 11.92 -18.85 -32.74
CA VAL B 146 13.37 -18.63 -32.83
C VAL B 146 14.12 -19.74 -32.11
N PRO B 147 15.41 -19.89 -32.39
CA PRO B 147 16.12 -21.03 -31.79
C PRO B 147 16.19 -20.99 -30.27
N ASN B 148 16.42 -19.81 -29.69
CA ASN B 148 16.47 -19.68 -28.25
C ASN B 148 15.50 -18.56 -27.75
N PRO B 149 14.24 -18.92 -27.48
CA PRO B 149 13.28 -17.85 -27.19
C PRO B 149 13.60 -17.07 -25.96
N ARG B 150 13.23 -15.80 -25.98
CA ARG B 150 13.49 -14.86 -24.88
C ARG B 150 12.28 -14.78 -23.94
N ILE B 151 12.47 -15.04 -22.67
CA ILE B 151 11.46 -14.89 -21.65
C ILE B 151 11.09 -13.41 -21.45
N LYS B 152 9.79 -13.13 -21.30
CA LYS B 152 9.31 -11.84 -20.91
C LYS B 152 8.40 -12.03 -19.72
N LEU B 153 8.76 -11.39 -18.62
CA LEU B 153 7.88 -11.29 -17.47
C LEU B 153 6.86 -10.20 -17.71
N ILE B 154 5.59 -10.56 -17.49
CA ILE B 154 4.50 -9.61 -17.65
C ILE B 154 3.66 -9.45 -16.40
N ASP B 155 2.74 -8.49 -16.50
CA ASP B 155 1.66 -8.25 -15.53
C ASP B 155 2.12 -7.69 -14.21
N PHE B 156 2.31 -6.38 -14.18
CA PHE B 156 2.76 -5.65 -13.01
C PHE B 156 1.59 -5.05 -12.21
N GLY B 157 0.43 -5.63 -12.39
CA GLY B 157 -0.79 -5.16 -11.70
C GLY B 157 -0.76 -5.15 -10.17
N ILE B 158 0.02 -6.01 -9.54
CA ILE B 158 0.14 -5.95 -8.10
C ILE B 158 1.55 -5.75 -7.60
N ALA B 159 2.45 -5.38 -8.51
CA ALA B 159 3.83 -5.09 -8.17
C ALA B 159 3.92 -3.81 -7.35
N HIS B 160 4.91 -3.76 -6.49
CA HIS B 160 5.16 -2.61 -5.61
C HIS B 160 6.61 -2.39 -5.36
N LYS B 161 6.95 -1.10 -5.20
CA LYS B 161 8.21 -0.71 -4.65
C LYS B 161 8.31 -1.03 -3.18
N ILE B 162 9.43 -1.62 -2.77
CA ILE B 162 9.64 -1.96 -1.39
C ILE B 162 10.57 -0.90 -0.79
N GLU B 163 10.03 -0.10 0.13
CA GLU B 163 10.82 0.75 1.07
C GLU B 163 12.12 1.30 0.52
N LYS B 169 10.74 3.20 13.43
CA LYS B 169 10.94 2.69 12.07
C LYS B 169 9.75 3.03 11.16
N ASN B 170 10.01 3.92 10.19
CA ASN B 170 9.00 4.59 9.35
C ASN B 170 8.30 5.79 10.04
N ILE B 171 8.49 5.94 11.35
CA ILE B 171 7.76 6.93 12.17
C ILE B 171 8.70 8.11 12.41
N PHE B 172 8.43 9.25 11.77
CA PHE B 172 9.31 10.42 11.89
C PHE B 172 8.97 11.31 13.07
N GLY B 173 7.73 11.21 13.52
CA GLY B 173 7.26 11.97 14.67
C GLY B 173 7.18 11.12 15.90
N THR B 174 6.36 11.52 16.85
CA THR B 174 6.29 10.75 18.07
C THR B 174 5.68 9.38 17.82
N PRO B 175 6.23 8.31 18.42
CA PRO B 175 5.63 7.00 18.37
C PRO B 175 4.59 6.73 19.50
N GLU B 176 4.33 7.74 20.33
CA GLU B 176 3.56 7.53 21.57
C GLU B 176 2.13 7.03 21.39
N PHE B 177 1.54 7.31 20.22
CA PHE B 177 0.15 6.97 19.94
C PHE B 177 -0.09 5.81 19.00
N VAL B 178 0.98 5.17 18.55
CA VAL B 178 0.93 4.15 17.54
C VAL B 178 0.61 2.79 18.14
N ALA B 179 -0.25 2.04 17.47
CA ALA B 179 -0.73 0.76 17.93
C ALA B 179 0.34 -0.33 17.82
N PRO B 180 0.24 -1.39 18.64
CA PRO B 180 1.25 -2.47 18.59
C PRO B 180 1.36 -3.15 17.23
N GLU B 181 0.26 -3.26 16.47
CA GLU B 181 0.34 -3.93 15.18
C GLU B 181 1.13 -3.06 14.20
N ILE B 182 1.19 -1.75 14.43
CA ILE B 182 2.06 -0.91 13.63
C ILE B 182 3.51 -1.02 14.08
N VAL B 183 3.72 -1.03 15.40
CA VAL B 183 5.07 -1.13 15.91
C VAL B 183 5.71 -2.44 15.43
N ASN B 184 4.91 -3.49 15.35
CA ASN B 184 5.40 -4.82 14.95
C ASN B 184 5.16 -5.18 13.48
N TYR B 185 4.83 -4.18 12.67
CA TYR B 185 4.48 -4.41 11.28
C TYR B 185 5.67 -4.99 10.52
N GLU B 186 5.42 -6.07 9.81
CA GLU B 186 6.40 -6.74 8.94
C GLU B 186 5.92 -6.67 7.49
N PRO B 187 6.40 -5.70 6.72
CA PRO B 187 5.87 -5.56 5.36
C PRO B 187 6.25 -6.74 4.47
N LEU B 188 5.42 -7.02 3.48
CA LEU B 188 5.74 -8.00 2.44
C LEU B 188 6.89 -7.46 1.60
N GLY B 189 7.77 -8.35 1.15
CA GLY B 189 9.02 -7.93 0.54
C GLY B 189 9.41 -8.74 -0.71
N LEU B 190 10.63 -8.49 -1.14
CA LEU B 190 11.20 -9.13 -2.33
C LEU B 190 11.29 -10.63 -2.13
N GLU B 191 11.39 -11.07 -0.88
CA GLU B 191 11.49 -12.51 -0.61
C GLU B 191 10.31 -13.30 -1.12
N ALA B 192 9.13 -12.69 -1.19
CA ALA B 192 7.98 -13.39 -1.68
C ALA B 192 8.17 -13.86 -3.13
N ASP B 193 8.82 -13.05 -3.96
CA ASP B 193 9.12 -13.46 -5.33
C ASP B 193 10.04 -14.69 -5.36
N MET B 194 11.00 -14.76 -4.43
CA MET B 194 11.93 -15.86 -4.37
C MET B 194 11.21 -17.18 -4.03
N TRP B 195 10.25 -17.14 -3.11
CA TRP B 195 9.38 -18.28 -2.85
C TRP B 195 8.66 -18.71 -4.11
N SER B 196 8.02 -17.77 -4.79
CA SER B 196 7.35 -18.10 -6.06
C SER B 196 8.26 -18.78 -7.07
N ILE B 197 9.50 -18.32 -7.19
CA ILE B 197 10.44 -18.94 -8.08
C ILE B 197 10.70 -20.41 -7.68
N GLY B 198 10.75 -20.67 -6.39
CA GLY B 198 10.86 -22.06 -5.91
C GLY B 198 9.71 -22.93 -6.40
N VAL B 199 8.49 -22.41 -6.32
CA VAL B 199 7.29 -23.15 -6.73
C VAL B 199 7.31 -23.35 -8.23
N ILE B 200 7.64 -22.30 -8.96
CA ILE B 200 7.76 -22.41 -10.43
C ILE B 200 8.80 -23.47 -10.84
N THR B 201 9.92 -23.54 -10.12
CA THR B 201 10.97 -24.44 -10.45
C THR B 201 10.48 -25.88 -10.18
N TYR B 202 9.79 -26.06 -9.06
CA TYR B 202 9.28 -27.38 -8.67
C TYR B 202 8.34 -27.92 -9.77
N ILE B 203 7.43 -27.07 -10.27
CA ILE B 203 6.54 -27.48 -11.33
C ILE B 203 7.27 -27.66 -12.66
N LEU B 204 8.19 -26.76 -12.99
CA LEU B 204 8.96 -26.85 -14.19
C LEU B 204 9.61 -28.25 -14.36
N LEU B 205 10.15 -28.79 -13.26
CA LEU B 205 10.95 -30.01 -13.34
C LEU B 205 10.10 -31.26 -13.24
N SER B 206 8.94 -31.16 -12.62
CA SER B 206 8.13 -32.35 -12.26
C SER B 206 6.71 -32.43 -12.78
N GLY B 207 6.11 -31.27 -13.08
CA GLY B 207 4.71 -31.20 -13.49
C GLY B 207 3.72 -31.30 -12.34
N ALA B 208 4.22 -31.39 -11.13
CA ALA B 208 3.42 -31.42 -9.93
C ALA B 208 3.56 -30.08 -9.20
N SER B 209 2.56 -29.76 -8.41
CA SER B 209 2.56 -28.50 -7.65
C SER B 209 2.82 -28.84 -6.18
N PRO B 210 3.75 -28.12 -5.54
CA PRO B 210 4.19 -28.59 -4.24
C PRO B 210 3.15 -28.51 -3.11
N PHE B 211 2.29 -27.48 -3.14
CA PHE B 211 1.43 -27.21 -1.98
C PHE B 211 -0.06 -27.36 -2.26
N LEU B 212 -0.41 -27.58 -3.49
CA LEU B 212 -1.80 -27.56 -3.87
C LEU B 212 -2.54 -28.68 -3.14
N GLY B 213 -3.65 -28.34 -2.52
CA GLY B 213 -4.46 -29.31 -1.81
C GLY B 213 -5.79 -29.49 -2.50
N GLU B 214 -6.67 -30.24 -1.87
CA GLU B 214 -7.96 -30.55 -2.50
C GLU B 214 -8.95 -29.41 -2.37
N THR B 215 -8.71 -28.51 -1.42
CA THR B 215 -9.50 -27.29 -1.24
C THR B 215 -8.54 -26.14 -1.05
N LYS B 216 -9.07 -24.92 -1.14
CA LYS B 216 -8.29 -23.72 -0.87
C LYS B 216 -7.65 -23.70 0.49
N GLN B 217 -8.39 -24.09 1.52
CA GLN B 217 -7.88 -24.06 2.86
C GLN B 217 -6.71 -25.04 3.00
N GLU B 218 -6.78 -26.18 2.30
CA GLU B 218 -5.69 -27.13 2.37
C GLU B 218 -4.43 -26.54 1.73
N THR B 219 -4.59 -25.93 0.56
CA THR B 219 -3.46 -25.26 -0.10
C THR B 219 -2.86 -24.22 0.80
N LEU B 220 -3.68 -23.36 1.39
CA LEU B 220 -3.16 -22.33 2.32
C LEU B 220 -2.42 -22.93 3.51
N THR B 221 -2.99 -23.97 4.10
CA THR B 221 -2.39 -24.65 5.23
C THR B 221 -1.06 -25.29 4.85
N ASN B 222 -1.04 -25.89 3.67
CA ASN B 222 0.20 -26.51 3.20
C ASN B 222 1.33 -25.48 2.96
N ILE B 223 1.00 -24.35 2.36
CA ILE B 223 2.00 -23.29 2.19
C ILE B 223 2.55 -22.81 3.53
N SER B 224 1.64 -22.51 4.45
CA SER B 224 2.03 -21.93 5.73
C SER B 224 2.95 -22.86 6.50
N ALA B 225 2.68 -24.16 6.45
CA ALA B 225 3.51 -25.17 7.13
C ALA B 225 4.72 -25.62 6.31
N VAL B 226 4.83 -25.13 5.06
CA VAL B 226 5.85 -25.57 4.12
C VAL B 226 5.86 -27.10 3.99
N ASN B 227 4.68 -27.62 3.81
CA ASN B 227 4.45 -29.04 3.80
C ASN B 227 4.46 -29.54 2.37
N TYR B 228 5.63 -29.94 1.92
CA TYR B 228 5.79 -30.48 0.58
C TYR B 228 6.87 -31.56 0.65
N ASP B 229 6.99 -32.36 -0.40
CA ASP B 229 8.10 -33.26 -0.52
C ASP B 229 8.35 -33.53 -1.97
N PHE B 230 9.38 -34.29 -2.28
CA PHE B 230 9.72 -34.67 -3.65
C PHE B 230 9.26 -36.10 -3.88
N ASP B 231 8.14 -36.28 -4.54
CA ASP B 231 7.66 -37.65 -4.81
C ASP B 231 8.63 -38.43 -5.66
N GLU B 232 8.90 -39.67 -5.25
CA GLU B 232 9.92 -40.48 -5.89
C GLU B 232 9.69 -40.66 -7.39
N GLU B 233 8.43 -40.78 -7.80
CA GLU B 233 8.15 -40.95 -9.21
C GLU B 233 8.38 -39.64 -9.93
N TYR B 234 7.69 -38.60 -9.46
CA TYR B 234 7.73 -37.35 -10.19
C TYR B 234 9.10 -36.74 -10.21
N PHE B 235 9.95 -37.01 -9.21
CA PHE B 235 11.31 -36.45 -9.21
C PHE B 235 12.43 -37.45 -9.54
N SER B 236 12.06 -38.60 -10.11
CA SER B 236 13.04 -39.66 -10.35
C SER B 236 14.17 -39.31 -11.31
N ASN B 237 13.91 -38.37 -12.22
CA ASN B 237 14.90 -37.88 -13.18
C ASN B 237 15.44 -36.50 -12.82
N THR B 238 15.23 -36.06 -11.59
CA THR B 238 15.67 -34.73 -11.15
C THR B 238 16.91 -34.88 -10.26
N SER B 239 17.91 -34.03 -10.54
CA SER B 239 19.15 -34.04 -9.75
C SER B 239 18.99 -33.59 -8.32
N GLU B 240 19.89 -34.07 -7.46
CA GLU B 240 19.92 -33.57 -6.11
C GLU B 240 20.27 -32.08 -6.08
N LEU B 241 21.06 -31.63 -7.05
CA LEU B 241 21.47 -30.24 -7.11
C LEU B 241 20.25 -29.35 -7.36
N ALA B 242 19.38 -29.78 -8.26
CA ALA B 242 18.12 -29.06 -8.48
C ALA B 242 17.23 -29.06 -7.26
N LYS B 243 17.09 -30.21 -6.59
CA LYS B 243 16.31 -30.26 -5.37
C LYS B 243 16.85 -29.32 -4.31
N ASP B 244 18.18 -29.16 -4.27
CA ASP B 244 18.81 -28.26 -3.31
C ASP B 244 18.42 -26.79 -3.57
N PHE B 245 18.44 -26.43 -4.83
CA PHE B 245 18.01 -25.10 -5.25
C PHE B 245 16.58 -24.82 -4.75
N ILE B 246 15.67 -25.75 -5.02
CA ILE B 246 14.28 -25.59 -4.58
C ILE B 246 14.18 -25.52 -3.05
N ARG B 247 14.90 -26.41 -2.35
CA ARG B 247 14.84 -26.41 -0.90
C ARG B 247 15.26 -25.09 -0.27
N ARG B 248 16.20 -24.41 -0.90
CA ARG B 248 16.75 -23.17 -0.37
C ARG B 248 15.84 -21.96 -0.68
N LEU B 249 14.86 -22.17 -1.55
CA LEU B 249 13.79 -21.19 -1.83
C LEU B 249 12.48 -21.40 -1.05
N LEU B 250 12.06 -22.66 -0.86
CA LEU B 250 10.82 -22.94 -0.17
C LEU B 250 11.06 -23.01 1.34
N VAL B 251 11.28 -21.85 1.94
CA VAL B 251 11.66 -21.73 3.35
C VAL B 251 10.64 -20.77 3.96
N LYS B 252 10.11 -21.09 5.14
CA LYS B 252 9.04 -20.34 5.75
C LYS B 252 9.48 -18.94 6.12
N ASP B 253 10.62 -18.81 6.79
CA ASP B 253 11.12 -17.50 7.20
C ASP B 253 11.69 -16.75 6.00
N PRO B 254 11.08 -15.60 5.63
CA PRO B 254 11.60 -14.92 4.42
C PRO B 254 13.04 -14.54 4.52
N LYS B 255 13.47 -14.19 5.74
CA LYS B 255 14.86 -13.88 5.97
C LYS B 255 15.87 -15.02 5.75
N ARG B 256 15.41 -16.28 5.72
CA ARG B 256 16.31 -17.41 5.50
C ARG B 256 16.26 -17.99 4.07
N ARG B 257 15.39 -17.46 3.21
CA ARG B 257 15.37 -17.83 1.75
C ARG B 257 16.54 -17.28 0.99
N MET B 258 16.96 -17.95 -0.09
CA MET B 258 17.94 -17.37 -1.01
C MET B 258 17.35 -16.08 -1.55
N THR B 259 18.21 -15.10 -1.63
CA THR B 259 18.00 -13.86 -2.36
C THR B 259 18.22 -14.15 -3.83
N ILE B 260 17.87 -13.18 -4.67
CA ILE B 260 18.09 -13.33 -6.08
C ILE B 260 19.56 -13.50 -6.41
N ALA B 261 20.44 -12.71 -5.74
CA ALA B 261 21.87 -12.87 -5.97
C ALA B 261 22.34 -14.29 -5.62
N GLN B 262 21.88 -14.79 -4.49
CA GLN B 262 22.29 -16.14 -4.08
C GLN B 262 21.79 -17.21 -5.03
N SER B 263 20.59 -17.01 -5.57
CA SER B 263 20.01 -17.94 -6.52
C SER B 263 20.85 -18.04 -7.80
N LEU B 264 21.42 -16.90 -8.23
CA LEU B 264 22.23 -16.86 -9.45
C LEU B 264 23.62 -17.44 -9.20
N GLU B 265 24.05 -17.42 -7.97
CA GLU B 265 25.35 -17.98 -7.56
C GLU B 265 25.25 -19.48 -7.27
N HIS B 266 24.05 -19.98 -7.04
CA HIS B 266 23.87 -21.39 -6.70
C HIS B 266 24.45 -22.27 -7.80
N SER B 267 25.13 -23.38 -7.46
CA SER B 267 25.76 -24.21 -8.48
C SER B 267 24.84 -24.79 -9.54
N TRP B 268 23.56 -24.98 -9.21
CA TRP B 268 22.63 -25.46 -10.24
C TRP B 268 22.55 -24.48 -11.43
N ILE B 269 22.57 -23.17 -11.13
CA ILE B 269 22.53 -22.13 -12.14
C ILE B 269 23.93 -21.83 -12.68
N LYS B 270 24.90 -21.73 -11.77
CA LYS B 270 26.23 -21.23 -12.08
C LYS B 270 27.05 -22.29 -12.81
N ALA B 271 26.89 -23.56 -12.43
CA ALA B 271 27.61 -24.64 -13.12
C ALA B 271 27.40 -24.65 -14.63
N ILE B 272 26.21 -24.29 -15.10
CA ILE B 272 25.96 -24.22 -16.55
C ILE B 272 26.40 -22.88 -17.15
O1 U7E C . 2.11 22.66 10.23
S U7E C . 0.75 22.53 9.82
O U7E C . -0.07 22.26 10.99
N4 U7E C . 0.22 23.85 9.12
C U7E C . 0.64 21.31 8.79
C5 U7E C . 1.78 20.69 8.27
C4 U7E C . 1.64 19.63 7.38
C3 U7E C . 0.38 19.18 6.99
C2 U7E C . -0.76 19.80 7.49
C1 U7E C . -0.61 20.85 8.39
C6 U7E C . -2.15 19.38 7.11
N3 U7E C . -3.37 19.85 7.44
N2 U7E C . -4.32 19.02 6.80
N1 U7E C . -3.65 18.07 6.04
N U7E C . -2.29 18.35 6.26
C1 GOL D . 2.84 23.39 19.85
O1 GOL D . 1.61 23.67 19.20
C2 GOL D . 3.97 24.19 19.20
O2 GOL D . 3.62 24.67 17.88
C3 GOL D . 5.26 23.40 19.23
O3 GOL D . 6.33 24.33 19.38
C1 PGO E . -3.63 -1.92 33.00
C2 PGO E . -4.77 -2.72 33.61
C3 PGO E . -5.43 -3.67 32.61
O1 PGO E . -3.36 -0.84 33.90
O2 PGO E . -5.71 -1.77 34.11
C1 PGO F . -3.90 17.46 28.21
C2 PGO F . -4.27 18.28 29.43
C3 PGO F . -3.32 19.45 29.63
O1 PGO F . -3.02 16.41 28.62
O2 PGO F . -4.20 17.42 30.59
C1 GOL G . -0.10 -5.08 -17.81
O1 GOL G . -0.99 -4.02 -17.32
C2 GOL G . 1.32 -4.54 -17.70
O2 GOL G . 1.79 -4.62 -16.35
C3 GOL G . 2.27 -5.33 -18.58
O3 GOL G . 1.95 -6.71 -18.55
#